data_6OWI
#
_entry.id   6OWI
#
_cell.length_a   46.370
_cell.length_b   56.790
_cell.length_c   121.700
_cell.angle_alpha   90.00
_cell.angle_beta   90.00
_cell.angle_gamma   90.00
#
_symmetry.space_group_name_H-M   'P 21 21 21'
#
loop_
_entity.id
_entity.type
_entity.pdbx_description
1 polymer 'Histone acetyltransferase KAT8'
2 non-polymer 'ZINC ION'
3 non-polymer "N'-[(2-fluorophenyl)sulfonyl]benzohydrazide"
4 non-polymer GLYCEROL
5 water water
#
_entity_poly.entity_id   1
_entity_poly.type   'polypeptide(L)'
_entity_poly.pdbx_seq_one_letter_code
;VKYVDKIHIGNYEIDAWYFSPFPEDYGKQPKLWLCEYCLKYMKYEKSYRFHLGQCQWRQPPGKEIYRKSNISVHEVDGKD
HKIYCQNLCLLAKLFLDH(ALY)TLYFDVEPFVFYILTEVDRQGAHIVGYFSKEKESPDGNNVSCIMILPPYQRRGYGRF
LIAFSYELSKLESTVGSPEKPLSDLGKLSYRSYWSWVLLENLRDFRGTLSIKDLSQMTSITQNDIISTLQSLNMVKYWKG
QHVICVTPKLVEEHLKSAQYKKPPITVDSVCLKWAPP
;
_entity_poly.pdbx_strand_id   A
#
loop_
_chem_comp.id
_chem_comp.type
_chem_comp.name
_chem_comp.formula
GOL non-polymer GLYCEROL 'C3 H8 O3'
NB7 non-polymer N'-[(2-fluorophenyl)sulfonyl]benzohydrazide 'C13 H11 F N2 O3 S'
ZN non-polymer 'ZINC ION' 'Zn 2'
#
# COMPACT_ATOMS: atom_id res chain seq x y z
N LYS A 2 21.36 -16.10 -13.01
CA LYS A 2 21.01 -15.21 -14.12
C LYS A 2 20.10 -14.04 -13.68
N TYR A 3 18.86 -14.28 -13.24
CA TYR A 3 18.07 -13.19 -12.65
C TYR A 3 18.42 -13.06 -11.16
N VAL A 4 18.12 -11.88 -10.58
CA VAL A 4 18.18 -11.77 -9.13
C VAL A 4 17.15 -12.70 -8.54
N ASP A 5 17.55 -13.57 -7.61
CA ASP A 5 16.53 -14.44 -7.03
C ASP A 5 16.46 -14.40 -5.51
N LYS A 6 17.34 -13.65 -4.85
CA LYS A 6 17.36 -13.55 -3.40
C LYS A 6 17.90 -12.16 -3.11
N ILE A 7 17.31 -11.47 -2.11
CA ILE A 7 17.84 -10.22 -1.60
C ILE A 7 18.09 -10.35 -0.10
N HIS A 8 19.00 -9.50 0.36
CA HIS A 8 19.23 -9.27 1.77
C HIS A 8 18.85 -7.81 2.02
N ILE A 9 17.99 -7.55 3.00
CA ILE A 9 17.64 -6.18 3.34
C ILE A 9 17.44 -6.15 4.85
N GLY A 10 18.12 -5.25 5.56
CA GLY A 10 17.93 -5.24 7.01
C GLY A 10 18.47 -6.56 7.56
N ASN A 11 17.68 -7.23 8.38
CA ASN A 11 18.06 -8.56 8.82
C ASN A 11 17.30 -9.68 8.12
N TYR A 12 16.70 -9.40 6.98
CA TYR A 12 15.87 -10.36 6.30
C TYR A 12 16.60 -10.86 5.07
N GLU A 13 16.47 -12.13 4.79
CA GLU A 13 16.78 -12.63 3.47
C GLU A 13 15.44 -13.01 2.85
N ILE A 14 15.23 -12.63 1.60
CA ILE A 14 13.92 -12.77 0.96
C ILE A 14 14.10 -13.34 -0.42
N ASP A 15 13.35 -14.39 -0.74
CA ASP A 15 13.41 -14.98 -2.07
C ASP A 15 12.56 -14.17 -3.05
N ALA A 16 13.08 -13.96 -4.26
CA ALA A 16 12.31 -13.21 -5.27
C ALA A 16 11.06 -14.00 -5.69
N TRP A 17 10.00 -13.27 -6.10
CA TRP A 17 8.82 -13.88 -6.73
C TRP A 17 8.78 -13.66 -8.26
N TYR A 18 9.38 -12.59 -8.77
CA TYR A 18 9.27 -12.25 -10.17
C TYR A 18 10.58 -11.64 -10.66
N PHE A 19 10.73 -11.61 -11.98
CA PHE A 19 11.83 -10.89 -12.59
C PHE A 19 11.76 -9.40 -12.30
N SER A 20 12.88 -8.83 -11.92
CA SER A 20 13.03 -7.38 -11.88
C SER A 20 14.29 -6.99 -12.64
N PRO A 21 14.23 -5.95 -13.46
CA PRO A 21 15.33 -5.57 -14.36
C PRO A 21 16.41 -4.73 -13.69
N PHE A 22 16.98 -5.26 -12.61
CA PHE A 22 18.26 -4.78 -12.15
C PHE A 22 19.26 -5.03 -13.28
N PRO A 23 20.33 -4.25 -13.40
CA PRO A 23 21.32 -4.51 -14.45
C PRO A 23 21.87 -5.93 -14.39
N GLU A 24 22.32 -6.41 -15.56
CA GLU A 24 22.63 -7.83 -15.73
C GLU A 24 23.59 -8.34 -14.66
N ASP A 25 24.64 -7.55 -14.36
CA ASP A 25 25.72 -8.06 -13.53
C ASP A 25 25.32 -8.16 -12.06
N TYR A 26 24.27 -7.43 -11.68
CA TYR A 26 23.67 -7.57 -10.36
C TYR A 26 22.93 -8.91 -10.25
N GLY A 27 22.33 -9.38 -11.34
CA GLY A 27 21.73 -10.71 -11.33
C GLY A 27 22.72 -11.81 -10.95
N LYS A 28 23.90 -11.79 -11.57
CA LYS A 28 24.84 -12.91 -11.51
C LYS A 28 25.17 -13.35 -10.08
N GLN A 29 25.18 -12.41 -9.14
CA GLN A 29 25.53 -12.69 -7.75
C GLN A 29 24.55 -13.69 -7.13
N PRO A 30 24.99 -14.48 -6.11
CA PRO A 30 24.00 -15.30 -5.39
C PRO A 30 22.88 -14.48 -4.79
N LYS A 31 23.20 -13.31 -4.25
CA LYS A 31 22.23 -12.47 -3.57
C LYS A 31 22.45 -11.02 -4.02
N LEU A 32 21.40 -10.20 -4.00
CA LEU A 32 21.58 -8.76 -4.10
C LEU A 32 21.41 -8.20 -2.70
N TRP A 33 22.22 -7.21 -2.32
CA TRP A 33 22.23 -6.70 -0.95
C TRP A 33 21.72 -5.27 -0.97
N LEU A 34 20.64 -4.99 -0.23
CA LEU A 34 20.02 -3.66 -0.26
C LEU A 34 20.18 -2.94 1.07
N CYS A 35 20.59 -1.67 1.03
CA CYS A 35 20.56 -0.83 2.22
C CYS A 35 19.11 -0.59 2.60
N GLU A 36 18.74 -0.93 3.85
CA GLU A 36 17.31 -0.85 4.13
C GLU A 36 16.82 0.58 4.23
N TYR A 37 17.72 1.59 4.29
CA TYR A 37 17.29 2.97 4.46
C TYR A 37 17.30 3.75 3.16
N CYS A 38 18.39 3.71 2.35
CA CYS A 38 18.40 4.43 1.07
C CYS A 38 18.10 3.56 -0.15
N LEU A 39 17.96 2.25 0.05
CA LEU A 39 17.58 1.24 -0.93
C LEU A 39 18.60 1.05 -2.04
N LYS A 40 19.82 1.61 -1.87
CA LYS A 40 20.93 1.24 -2.73
C LYS A 40 21.11 -0.28 -2.79
N TYR A 41 21.24 -0.80 -4.01
CA TYR A 41 21.49 -2.23 -4.20
C TYR A 41 22.95 -2.50 -4.58
N MET A 42 23.51 -3.54 -3.97
CA MET A 42 24.92 -3.84 -4.03
C MET A 42 25.14 -5.32 -4.35
N LYS A 43 26.35 -5.61 -4.89
CA LYS A 43 26.63 -6.93 -5.46
C LYS A 43 27.24 -7.92 -4.47
N TYR A 44 27.81 -7.44 -3.36
CA TYR A 44 28.66 -8.20 -2.47
C TYR A 44 28.37 -7.91 -1.01
N GLU A 45 28.52 -8.94 -0.15
CA GLU A 45 28.43 -8.67 1.29
C GLU A 45 29.48 -7.64 1.73
N LYS A 46 30.65 -7.61 1.10
CA LYS A 46 31.67 -6.64 1.51
C LYS A 46 31.27 -5.21 1.16
N SER A 47 30.75 -4.96 -0.04
CA SER A 47 30.35 -3.59 -0.34
C SER A 47 29.14 -3.18 0.51
N TYR A 48 28.24 -4.13 0.76
CA TYR A 48 27.11 -3.91 1.65
C TYR A 48 27.57 -3.49 3.06
N ARG A 49 28.53 -4.21 3.66
CA ARG A 49 28.87 -3.89 5.04
C ARG A 49 29.66 -2.59 5.13
N PHE A 50 30.44 -2.29 4.08
CA PHE A 50 31.08 -0.97 3.99
C PHE A 50 30.02 0.12 3.90
N HIS A 51 29.02 -0.08 3.06
CA HIS A 51 27.97 0.90 2.92
C HIS A 51 27.23 1.09 4.25
N LEU A 52 26.98 0.01 4.97
CA LEU A 52 26.19 0.15 6.20
C LEU A 52 26.94 1.00 7.22
N GLY A 53 28.26 0.92 7.22
CA GLY A 53 29.07 1.71 8.12
C GLY A 53 29.12 3.18 7.75
N GLN A 54 28.88 3.50 6.49
CA GLN A 54 29.02 4.85 5.98
C GLN A 54 27.69 5.58 5.82
N CYS A 55 26.65 4.88 5.38
CA CYS A 55 25.41 5.53 4.99
C CYS A 55 24.78 6.28 6.16
N GLN A 56 24.39 7.51 5.92
CA GLN A 56 23.88 8.31 7.03
C GLN A 56 22.36 8.24 7.16
N TRP A 57 21.67 7.68 6.16
CA TRP A 57 20.21 7.59 6.15
CA TRP A 57 20.21 7.69 6.22
C TRP A 57 19.71 6.64 7.20
N ARG A 58 18.65 7.02 7.95
CA ARG A 58 18.00 6.13 8.90
C ARG A 58 16.50 6.17 8.75
N GLN A 59 16.02 6.71 7.64
CA GLN A 59 14.60 6.75 7.31
C GLN A 59 14.47 7.09 5.84
N PRO A 60 13.28 7.04 5.26
CA PRO A 60 13.08 7.48 3.87
C PRO A 60 13.33 8.97 3.73
N PRO A 61 13.58 9.44 2.50
CA PRO A 61 13.63 10.88 2.24
C PRO A 61 12.22 11.48 2.19
N GLY A 62 12.08 12.70 1.71
CA GLY A 62 10.76 13.29 1.65
C GLY A 62 10.25 13.73 3.01
N LYS A 63 8.94 13.96 3.05
CA LYS A 63 8.22 14.51 4.20
C LYS A 63 7.54 13.41 5.00
N GLU A 64 7.75 13.38 6.33
CA GLU A 64 7.00 12.44 7.18
C GLU A 64 5.58 12.96 7.37
N ILE A 65 4.61 12.45 6.61
CA ILE A 65 3.25 12.98 6.71
C ILE A 65 2.36 12.21 7.70
N TYR A 66 2.86 11.16 8.33
CA TYR A 66 2.06 10.43 9.31
C TYR A 66 3.00 9.88 10.35
N ARG A 67 2.70 10.11 11.61
CA ARG A 67 3.45 9.50 12.69
C ARG A 67 2.52 9.21 13.86
N LYS A 68 2.38 7.95 14.24
CA LYS A 68 1.69 7.61 15.48
C LYS A 68 2.45 6.49 16.15
N SER A 69 2.90 6.75 17.37
CA SER A 69 3.83 5.85 18.05
C SER A 69 4.95 5.53 17.07
N ASN A 70 5.18 4.27 16.72
CA ASN A 70 6.33 3.89 15.90
C ASN A 70 5.92 3.52 14.47
N ILE A 71 4.74 3.93 14.03
CA ILE A 71 4.31 3.77 12.65
C ILE A 71 4.39 5.11 11.94
N SER A 72 5.09 5.13 10.83
CA SER A 72 5.24 6.38 10.09
CA SER A 72 5.39 6.35 10.09
C SER A 72 5.09 6.16 8.60
N VAL A 73 4.59 7.18 7.95
CA VAL A 73 4.51 7.25 6.49
C VAL A 73 5.25 8.48 5.96
N HIS A 74 6.15 8.27 5.01
CA HIS A 74 6.81 9.35 4.32
C HIS A 74 6.26 9.53 2.91
N GLU A 75 6.11 10.79 2.49
CA GLU A 75 5.65 11.09 1.15
C GLU A 75 6.87 11.51 0.35
N VAL A 76 7.11 10.82 -0.76
CA VAL A 76 8.35 10.98 -1.49
C VAL A 76 7.99 11.27 -2.93
N ASP A 77 8.33 12.47 -3.39
CA ASP A 77 8.04 12.85 -4.76
C ASP A 77 9.10 12.29 -5.70
N GLY A 78 8.65 11.61 -6.75
CA GLY A 78 9.56 10.94 -7.67
C GLY A 78 10.51 11.89 -8.40
N LYS A 79 10.10 13.15 -8.56
CA LYS A 79 10.93 14.16 -9.19
C LYS A 79 12.03 14.65 -8.26
N ASP A 80 11.72 14.75 -6.97
CA ASP A 80 12.67 15.26 -5.98
C ASP A 80 13.67 14.20 -5.55
N HIS A 81 13.27 12.93 -5.56
CA HIS A 81 14.13 11.85 -5.02
C HIS A 81 14.18 10.70 -6.02
N LYS A 82 14.73 11.00 -7.19
CA LYS A 82 14.66 10.07 -8.30
C LYS A 82 15.33 8.73 -7.99
N ILE A 83 16.56 8.77 -7.50
CA ILE A 83 17.30 7.53 -7.31
C ILE A 83 16.61 6.63 -6.29
N TYR A 84 16.19 7.21 -5.17
CA TYR A 84 15.52 6.42 -4.15
C TYR A 84 14.27 5.77 -4.72
N CYS A 85 13.47 6.55 -5.44
CA CYS A 85 12.25 5.98 -5.99
C CYS A 85 12.54 4.88 -7.01
N GLN A 86 13.56 5.07 -7.85
CA GLN A 86 13.93 4.01 -8.80
C GLN A 86 14.36 2.74 -8.08
N ASN A 87 15.18 2.88 -7.05
CA ASN A 87 15.57 1.72 -6.24
C ASN A 87 14.34 1.03 -5.64
N LEU A 88 13.40 1.82 -5.13
CA LEU A 88 12.18 1.24 -4.54
C LEU A 88 11.41 0.47 -5.58
N CYS A 89 11.32 1.02 -6.82
CA CYS A 89 10.52 0.35 -7.84
C CYS A 89 11.14 -0.98 -8.27
N LEU A 90 12.46 -1.07 -8.33
CA LEU A 90 13.13 -2.33 -8.68
C LEU A 90 12.96 -3.35 -7.57
N LEU A 91 13.06 -2.91 -6.33
CA LEU A 91 12.74 -3.79 -5.21
C LEU A 91 11.30 -4.29 -5.31
N ALA A 92 10.35 -3.38 -5.51
CA ALA A 92 8.93 -3.73 -5.63
C ALA A 92 8.65 -4.78 -6.71
N LYS A 93 9.34 -4.65 -7.83
CA LYS A 93 9.07 -5.52 -8.97
C LYS A 93 9.50 -6.96 -8.71
N LEU A 94 10.37 -7.19 -7.72
CA LEU A 94 10.67 -8.57 -7.31
C LEU A 94 9.43 -9.27 -6.77
N PHE A 95 8.42 -8.50 -6.30
CA PHE A 95 7.26 -9.07 -5.62
C PHE A 95 5.93 -8.72 -6.27
N LEU A 96 5.94 -7.94 -7.37
CA LEU A 96 4.77 -7.56 -8.17
C LEU A 96 4.93 -8.08 -9.60
N ASP A 97 3.94 -8.83 -10.07
CA ASP A 97 4.01 -9.37 -11.43
C ASP A 97 3.75 -8.29 -12.48
N HIS A 98 2.88 -7.33 -12.18
CA HIS A 98 2.28 -6.47 -13.18
C HIS A 98 2.83 -5.06 -13.20
OH ALY A 99 5.13 1.60 -8.11
CH ALY A 99 5.59 1.79 -9.24
CH3 ALY A 99 5.17 3.01 -10.00
NZ ALY A 99 6.45 0.90 -9.86
CE ALY A 99 6.89 -0.28 -9.16
CD ALY A 99 6.18 -1.59 -9.43
CG ALY A 99 6.01 -1.84 -10.93
CB ALY A 99 5.18 -3.12 -11.05
CA ALY A 99 4.33 -3.38 -12.32
N ALY A 99 3.73 -4.72 -12.29
C ALY A 99 5.20 -3.23 -13.57
O ALY A 99 5.93 -4.11 -13.94
N THR A 100 5.05 -2.14 -14.31
CA THR A 100 5.89 -1.97 -15.51
C THR A 100 6.79 -0.73 -15.51
N LEU A 101 6.69 0.08 -14.47
CA LEU A 101 7.36 1.37 -14.42
C LEU A 101 8.42 1.33 -13.32
N TYR A 102 9.70 1.51 -13.71
CA TYR A 102 10.78 1.49 -12.71
C TYR A 102 11.64 2.74 -12.77
N PHE A 103 11.82 3.31 -13.96
CA PHE A 103 12.79 4.40 -14.11
C PHE A 103 12.14 5.76 -14.30
N ASP A 104 11.00 5.83 -14.96
CA ASP A 104 10.37 7.11 -15.21
C ASP A 104 9.41 7.44 -14.08
N VAL A 105 10.01 7.78 -12.93
CA VAL A 105 9.31 7.90 -11.65
C VAL A 105 8.81 9.30 -11.39
N GLU A 106 9.21 10.30 -12.19
CA GLU A 106 8.79 11.66 -11.88
C GLU A 106 7.27 11.89 -11.84
N PRO A 107 6.43 11.19 -12.62
CA PRO A 107 4.98 11.41 -12.54
C PRO A 107 4.33 10.90 -11.26
N PHE A 108 5.10 10.27 -10.36
CA PHE A 108 4.53 9.54 -9.24
C PHE A 108 4.95 10.14 -7.92
N VAL A 109 4.10 9.99 -6.92
CA VAL A 109 4.50 10.19 -5.54
C VAL A 109 4.45 8.83 -4.84
N PHE A 110 5.37 8.59 -3.91
CA PHE A 110 5.49 7.31 -3.23
C PHE A 110 5.26 7.49 -1.73
N TYR A 111 4.46 6.61 -1.15
CA TYR A 111 4.08 6.67 0.26
C TYR A 111 4.69 5.46 0.92
N ILE A 112 5.73 5.67 1.74
CA ILE A 112 6.56 4.60 2.27
C ILE A 112 6.13 4.37 3.69
N LEU A 113 5.75 3.12 4.01
CA LEU A 113 5.37 2.77 5.38
C LEU A 113 6.56 2.18 6.14
N THR A 114 6.84 2.72 7.32
CA THR A 114 7.93 2.24 8.15
C THR A 114 7.49 1.98 9.58
N GLU A 115 8.24 1.08 10.18
CA GLU A 115 8.11 0.69 11.56
C GLU A 115 9.41 1.09 12.26
N VAL A 116 9.31 1.87 13.34
CA VAL A 116 10.47 2.55 13.91
C VAL A 116 10.94 1.89 15.19
N ASP A 117 12.28 1.76 15.34
CA ASP A 117 12.88 1.44 16.63
C ASP A 117 14.06 2.38 16.87
N ARG A 118 14.89 2.10 17.85
CA ARG A 118 15.97 3.03 18.20
C ARG A 118 16.95 3.19 17.04
N GLN A 119 17.12 2.15 16.21
CA GLN A 119 18.12 2.17 15.13
C GLN A 119 17.67 3.03 13.96
N GLY A 120 16.37 3.03 13.66
CA GLY A 120 15.88 3.82 12.55
C GLY A 120 14.48 3.36 12.13
N ALA A 121 14.04 3.87 10.98
CA ALA A 121 12.72 3.58 10.41
C ALA A 121 12.85 2.49 9.36
N HIS A 122 12.23 1.33 9.60
CA HIS A 122 12.44 0.11 8.82
C HIS A 122 11.30 -0.07 7.82
N ILE A 123 11.65 -0.19 6.53
CA ILE A 123 10.64 -0.21 5.48
C ILE A 123 9.83 -1.51 5.51
N VAL A 124 8.51 -1.35 5.42
CA VAL A 124 7.56 -2.46 5.40
C VAL A 124 6.94 -2.63 4.03
N GLY A 125 6.63 -1.52 3.37
CA GLY A 125 6.05 -1.55 2.05
C GLY A 125 5.70 -0.14 1.66
N TYR A 126 4.95 0.00 0.58
CA TYR A 126 4.68 1.33 0.02
C TYR A 126 3.49 1.22 -0.92
N PHE A 127 2.94 2.37 -1.30
CA PHE A 127 2.15 2.45 -2.50
C PHE A 127 2.56 3.69 -3.30
N SER A 128 2.54 3.54 -4.62
CA SER A 128 2.73 4.65 -5.53
C SER A 128 1.37 5.24 -5.94
N LYS A 129 1.38 6.49 -6.39
CA LYS A 129 0.16 7.15 -6.83
C LYS A 129 0.54 8.15 -7.93
N GLU A 130 -0.17 8.13 -9.06
CA GLU A 130 0.12 9.15 -10.07
C GLU A 130 -0.36 10.50 -9.58
N LYS A 131 0.51 11.50 -9.72
CA LYS A 131 0.14 12.89 -9.44
C LYS A 131 -1.13 13.29 -10.19
N GLU A 132 -1.25 12.93 -11.48
CA GLU A 132 -2.46 13.16 -12.27
C GLU A 132 -2.91 11.83 -12.83
N SER A 133 -4.01 11.30 -12.30
CA SER A 133 -4.48 10.01 -12.78
C SER A 133 -5.61 10.23 -13.76
N PRO A 134 -5.45 9.91 -15.06
CA PRO A 134 -6.59 10.06 -15.97
C PRO A 134 -7.79 9.25 -15.54
N ASP A 135 -7.57 8.12 -14.85
CA ASP A 135 -8.64 7.21 -14.53
C ASP A 135 -9.10 7.30 -13.08
N GLY A 136 -8.62 8.28 -12.32
CA GLY A 136 -9.06 8.36 -10.94
C GLY A 136 -8.54 7.23 -10.06
N ASN A 137 -7.36 6.72 -10.36
CA ASN A 137 -6.77 5.70 -9.51
C ASN A 137 -6.06 6.36 -8.32
N ASN A 138 -6.37 5.91 -7.10
CA ASN A 138 -5.74 6.49 -5.92
C ASN A 138 -4.57 5.67 -5.41
N VAL A 139 -4.32 4.55 -6.09
CA VAL A 139 -3.15 3.69 -5.92
C VAL A 139 -2.75 3.24 -7.32
N SER A 140 -1.46 3.31 -7.63
CA SER A 140 -0.88 2.69 -8.80
C SER A 140 -0.46 1.25 -8.52
N CYS A 141 0.59 1.08 -7.71
CA CYS A 141 1.04 -0.21 -7.22
C CYS A 141 1.08 -0.15 -5.71
N ILE A 142 0.77 -1.29 -5.09
CA ILE A 142 0.87 -1.40 -3.64
C ILE A 142 1.64 -2.68 -3.33
N MET A 143 2.63 -2.57 -2.45
CA MET A 143 3.48 -3.74 -2.19
C MET A 143 3.88 -3.74 -0.71
N ILE A 144 3.70 -4.90 -0.06
CA ILE A 144 4.14 -5.16 1.30
C ILE A 144 5.21 -6.24 1.19
N LEU A 145 6.37 -6.02 1.79
CA LEU A 145 7.45 -7.03 1.69
C LEU A 145 6.98 -8.34 2.29
N PRO A 146 7.33 -9.48 1.69
CA PRO A 146 6.79 -10.77 2.14
C PRO A 146 6.78 -10.99 3.66
N PRO A 147 7.86 -10.74 4.40
CA PRO A 147 7.78 -11.02 5.86
C PRO A 147 6.75 -10.16 6.60
N TYR A 148 6.22 -9.13 5.99
CA TYR A 148 5.19 -8.33 6.64
C TYR A 148 3.77 -8.56 6.08
N GLN A 149 3.59 -9.42 5.10
CA GLN A 149 2.28 -9.62 4.53
C GLN A 149 1.38 -10.36 5.50
N ARG A 150 0.06 -10.10 5.38
CA ARG A 150 -0.96 -10.74 6.22
C ARG A 150 -0.80 -10.41 7.70
N ARG A 151 -0.24 -9.26 8.01
CA ARG A 151 0.04 -8.91 9.39
C ARG A 151 -0.51 -7.53 9.72
N GLY A 152 -1.43 -7.01 8.92
CA GLY A 152 -2.09 -5.75 9.21
C GLY A 152 -1.55 -4.56 8.44
N TYR A 153 -0.37 -4.67 7.87
CA TYR A 153 0.22 -3.49 7.22
C TYR A 153 -0.44 -3.19 5.88
N GLY A 154 -0.83 -4.22 5.12
CA GLY A 154 -1.55 -3.95 3.90
C GLY A 154 -2.88 -3.27 4.17
N ARG A 155 -3.58 -3.62 5.23
CA ARG A 155 -4.84 -2.95 5.52
C ARG A 155 -4.58 -1.47 5.84
N PHE A 156 -3.54 -1.23 6.62
CA PHE A 156 -3.14 0.16 6.91
C PHE A 156 -2.91 0.98 5.64
N LEU A 157 -2.11 0.48 4.70
CA LEU A 157 -1.85 1.25 3.49
C LEU A 157 -3.09 1.44 2.63
N ILE A 158 -3.94 0.42 2.51
CA ILE A 158 -5.20 0.60 1.79
C ILE A 158 -6.00 1.72 2.44
N ALA A 159 -6.20 1.62 3.76
CA ALA A 159 -6.93 2.67 4.50
C ALA A 159 -6.31 4.02 4.27
N PHE A 160 -4.99 4.07 4.33
CA PHE A 160 -4.28 5.34 4.13
C PHE A 160 -4.58 5.93 2.77
N SER A 161 -4.62 5.08 1.72
CA SER A 161 -4.86 5.61 0.38
C SER A 161 -6.26 6.22 0.27
N TYR A 162 -7.25 5.66 0.98
CA TYR A 162 -8.57 6.30 0.99
C TYR A 162 -8.62 7.53 1.87
N GLU A 163 -7.82 7.61 2.93
CA GLU A 163 -7.81 8.85 3.69
C GLU A 163 -7.24 10.02 2.88
N LEU A 164 -6.27 9.77 1.99
CA LEU A 164 -5.85 10.83 1.11
C LEU A 164 -6.96 11.21 0.14
N SER A 165 -7.64 10.20 -0.44
CA SER A 165 -8.72 10.48 -1.38
C SER A 165 -9.81 11.33 -0.72
N LYS A 166 -10.11 11.05 0.55
CA LYS A 166 -11.13 11.82 1.26
C LYS A 166 -10.70 13.29 1.38
N LEU A 167 -9.43 13.52 1.73
CA LEU A 167 -8.89 14.87 1.84
C LEU A 167 -8.88 15.55 0.49
N GLU A 168 -8.86 14.79 -0.59
CA GLU A 168 -8.97 15.33 -1.93
C GLU A 168 -10.42 15.58 -2.37
N SER A 169 -11.43 15.24 -1.56
CA SER A 169 -12.86 15.26 -1.93
C SER A 169 -13.13 14.52 -3.23
N THR A 170 -12.53 13.34 -3.36
CA THR A 170 -12.64 12.58 -4.59
C THR A 170 -12.78 11.11 -4.23
N VAL A 171 -13.40 10.34 -5.14
CA VAL A 171 -13.37 8.88 -5.04
C VAL A 171 -12.15 8.39 -5.79
N GLY A 172 -11.75 7.15 -5.49
CA GLY A 172 -10.56 6.57 -6.09
C GLY A 172 -10.65 5.07 -5.98
N SER A 173 -9.94 4.39 -6.86
CA SER A 173 -9.85 2.93 -6.93
C SER A 173 -8.42 2.53 -7.26
N PRO A 174 -7.92 1.40 -6.73
CA PRO A 174 -6.56 0.97 -7.12
C PRO A 174 -6.53 0.63 -8.61
N GLU A 175 -5.42 0.96 -9.25
CA GLU A 175 -5.19 0.49 -10.60
C GLU A 175 -5.18 -1.03 -10.67
N LYS A 176 -5.83 -1.57 -11.70
CA LYS A 176 -5.86 -2.99 -12.00
C LYS A 176 -4.74 -3.37 -12.97
N PRO A 177 -4.27 -4.63 -12.96
CA PRO A 177 -4.73 -5.70 -12.07
C PRO A 177 -4.15 -5.73 -10.65
N LEU A 178 -4.94 -6.30 -9.75
CA LEU A 178 -4.48 -6.52 -8.39
C LEU A 178 -3.91 -7.92 -8.28
N SER A 179 -2.92 -8.09 -7.38
CA SER A 179 -2.46 -9.42 -7.04
C SER A 179 -3.56 -10.21 -6.32
N ASP A 180 -3.35 -11.54 -6.19
CA ASP A 180 -4.29 -12.38 -5.46
C ASP A 180 -4.52 -11.86 -4.04
N LEU A 181 -3.44 -11.60 -3.32
CA LEU A 181 -3.57 -11.02 -1.98
C LEU A 181 -4.17 -9.63 -2.05
N GLY A 182 -3.78 -8.84 -3.06
CA GLY A 182 -4.37 -7.53 -3.24
C GLY A 182 -5.88 -7.56 -3.38
N LYS A 183 -6.40 -8.46 -4.23
CA LYS A 183 -7.85 -8.62 -4.39
C LYS A 183 -8.51 -8.96 -3.07
N LEU A 184 -7.99 -9.95 -2.36
CA LEU A 184 -8.63 -10.34 -1.12
C LEU A 184 -8.58 -9.20 -0.12
N SER A 185 -7.46 -8.45 -0.11
CA SER A 185 -7.27 -7.40 0.89
C SER A 185 -8.19 -6.22 0.66
N TYR A 186 -8.32 -5.78 -0.59
CA TYR A 186 -9.27 -4.72 -0.89
C TYR A 186 -10.71 -5.14 -0.62
N ARG A 187 -11.08 -6.39 -0.97
CA ARG A 187 -12.45 -6.80 -0.76
C ARG A 187 -12.79 -6.79 0.72
N SER A 188 -11.85 -7.25 1.53
CA SER A 188 -12.04 -7.28 2.97
C SER A 188 -12.04 -5.88 3.58
N TYR A 189 -11.17 -4.99 3.09
CA TYR A 189 -11.20 -3.60 3.55
C TYR A 189 -12.54 -2.95 3.21
N TRP A 190 -12.94 -3.06 1.96
CA TRP A 190 -14.19 -2.48 1.52
C TRP A 190 -15.34 -3.02 2.34
N SER A 191 -15.36 -4.33 2.56
CA SER A 191 -16.48 -4.94 3.29
C SER A 191 -16.58 -4.35 4.70
N TRP A 192 -15.45 -4.28 5.41
CA TRP A 192 -15.47 -3.73 6.77
C TRP A 192 -15.97 -2.30 6.80
N VAL A 193 -15.42 -1.44 5.94
CA VAL A 193 -15.75 -0.03 5.97
C VAL A 193 -17.24 0.17 5.69
N LEU A 194 -17.74 -0.55 4.71
CA LEU A 194 -19.15 -0.40 4.33
C LEU A 194 -20.04 -0.96 5.43
N LEU A 195 -19.72 -2.13 5.95
CA LEU A 195 -20.53 -2.67 7.03
C LEU A 195 -20.53 -1.75 8.25
N GLU A 196 -19.38 -1.20 8.61
CA GLU A 196 -19.38 -0.30 9.76
C GLU A 196 -20.17 0.97 9.50
N ASN A 197 -20.20 1.48 8.25
CA ASN A 197 -21.02 2.66 7.99
C ASN A 197 -22.52 2.35 8.01
N LEU A 198 -22.91 1.15 7.58
CA LEU A 198 -24.30 0.74 7.62
C LEU A 198 -24.75 0.36 9.03
N ARG A 199 -23.79 0.11 9.94
CA ARG A 199 -24.13 -0.01 11.36
C ARG A 199 -24.25 1.36 12.01
N ASP A 200 -23.28 2.24 11.73
CA ASP A 200 -23.19 3.50 12.45
C ASP A 200 -24.27 4.50 12.04
N PHE A 201 -24.88 4.29 10.88
CA PHE A 201 -25.84 5.24 10.32
C PHE A 201 -27.26 4.68 10.27
N THR A 204 -30.67 5.41 6.63
CA THR A 204 -30.87 5.70 5.21
C THR A 204 -29.59 6.20 4.54
N LEU A 205 -28.74 5.26 4.13
CA LEU A 205 -27.56 5.58 3.32
C LEU A 205 -27.76 5.00 1.94
N SER A 206 -27.54 5.83 0.93
CA SER A 206 -27.57 5.38 -0.45
C SER A 206 -26.16 4.95 -0.86
N ILE A 207 -26.06 4.36 -2.06
CA ILE A 207 -24.74 3.97 -2.55
C ILE A 207 -23.92 5.21 -2.86
N LYS A 208 -24.55 6.24 -3.45
CA LYS A 208 -23.83 7.48 -3.68
C LYS A 208 -23.42 8.14 -2.37
N ASP A 209 -24.29 8.08 -1.36
CA ASP A 209 -23.93 8.53 -0.01
C ASP A 209 -22.66 7.85 0.47
N LEU A 210 -22.64 6.52 0.43
CA LEU A 210 -21.49 5.79 0.96
C LEU A 210 -20.24 6.15 0.19
N SER A 211 -20.36 6.32 -1.11
CA SER A 211 -19.18 6.67 -1.91
C SER A 211 -18.61 8.00 -1.47
N GLN A 212 -19.48 8.96 -1.18
CA GLN A 212 -19.01 10.25 -0.70
C GLN A 212 -18.35 10.12 0.68
N MET A 213 -18.88 9.28 1.56
CA MET A 213 -18.36 9.16 2.92
C MET A 213 -17.02 8.43 2.95
N THR A 214 -16.79 7.50 2.03
CA THR A 214 -15.65 6.59 2.13
C THR A 214 -14.59 6.81 1.05
N SER A 215 -14.91 7.59 0.01
CA SER A 215 -14.09 7.70 -1.21
C SER A 215 -13.93 6.38 -1.97
N ILE A 216 -14.68 5.33 -1.61
CA ILE A 216 -14.73 4.12 -2.42
C ILE A 216 -15.63 4.41 -3.62
N THR A 217 -15.25 3.94 -4.81
CA THR A 217 -16.09 4.22 -5.97
C THR A 217 -17.42 3.48 -5.87
N GLN A 218 -18.43 3.99 -6.59
CA GLN A 218 -19.71 3.31 -6.56
C GLN A 218 -19.60 1.89 -7.08
N ASN A 219 -18.77 1.66 -8.09
CA ASN A 219 -18.63 0.32 -8.63
C ASN A 219 -17.99 -0.62 -7.62
N ASP A 220 -16.95 -0.16 -6.90
CA ASP A 220 -16.36 -1.03 -5.88
C ASP A 220 -17.32 -1.26 -4.73
N ILE A 221 -18.12 -0.24 -4.36
CA ILE A 221 -19.18 -0.43 -3.37
C ILE A 221 -20.17 -1.49 -3.84
N ILE A 222 -20.65 -1.35 -5.08
CA ILE A 222 -21.64 -2.30 -5.57
C ILE A 222 -21.07 -3.72 -5.65
N SER A 223 -19.84 -3.88 -6.16
CA SER A 223 -19.35 -5.25 -6.26
C SER A 223 -19.14 -5.85 -4.88
N THR A 224 -18.79 -5.02 -3.90
CA THR A 224 -18.64 -5.50 -2.52
C THR A 224 -19.98 -5.89 -1.89
N LEU A 225 -20.97 -5.01 -1.99
CA LEU A 225 -22.30 -5.35 -1.50
C LEU A 225 -22.87 -6.58 -2.19
N GLN A 226 -22.62 -6.75 -3.50
CA GLN A 226 -23.08 -7.97 -4.17
C GLN A 226 -22.47 -9.24 -3.56
N SER A 227 -21.19 -9.16 -3.22
CA SER A 227 -20.57 -10.33 -2.64
C SER A 227 -21.06 -10.57 -1.22
N LEU A 228 -21.64 -9.56 -0.59
CA LEU A 228 -22.25 -9.67 0.73
C LEU A 228 -23.74 -9.95 0.63
N ASN A 229 -24.27 -10.05 -0.60
CA ASN A 229 -25.70 -10.20 -0.86
C ASN A 229 -26.51 -9.11 -0.15
N MET A 230 -26.05 -7.87 -0.27
CA MET A 230 -26.71 -6.76 0.41
C MET A 230 -27.21 -5.71 -0.56
N VAL A 231 -27.49 -6.09 -1.80
CA VAL A 231 -28.04 -5.13 -2.74
C VAL A 231 -29.11 -5.82 -3.57
N LYS A 232 -30.21 -5.11 -3.79
CA LYS A 232 -31.25 -5.53 -4.71
C LYS A 232 -31.16 -4.72 -6.00
N TYR A 233 -31.85 -5.17 -7.05
CA TYR A 233 -31.82 -4.45 -8.32
C TYR A 233 -33.25 -4.08 -8.69
N TRP A 234 -33.48 -2.83 -9.06
CA TRP A 234 -34.85 -2.41 -9.38
C TRP A 234 -34.85 -1.42 -10.51
N LYS A 235 -35.50 -1.81 -11.61
CA LYS A 235 -35.63 -0.98 -12.80
C LYS A 235 -34.30 -0.31 -13.17
N GLY A 236 -33.24 -1.12 -13.19
CA GLY A 236 -31.95 -0.75 -13.70
C GLY A 236 -31.02 -0.09 -12.71
N GLN A 237 -31.37 -0.08 -11.43
CA GLN A 237 -30.63 0.59 -10.35
C GLN A 237 -30.30 -0.40 -9.24
N HIS A 238 -29.03 -0.38 -8.79
CA HIS A 238 -28.65 -1.10 -7.58
C HIS A 238 -29.11 -0.31 -6.36
N VAL A 239 -29.76 -1.01 -5.41
CA VAL A 239 -30.33 -0.41 -4.21
C VAL A 239 -29.89 -1.23 -2.99
N ILE A 240 -29.38 -0.56 -1.96
CA ILE A 240 -28.98 -1.25 -0.75
C ILE A 240 -30.18 -1.89 -0.07
N CYS A 241 -30.00 -3.13 0.41
CA CYS A 241 -31.10 -3.86 1.05
C CYS A 241 -30.50 -4.75 2.14
N VAL A 242 -30.54 -4.29 3.39
CA VAL A 242 -29.92 -5.07 4.44
C VAL A 242 -30.53 -4.74 5.81
N THR A 243 -30.64 -5.77 6.63
CA THR A 243 -31.12 -5.66 8.00
C THR A 243 -29.97 -5.27 8.94
N PRO A 244 -30.23 -4.37 9.88
CA PRO A 244 -29.26 -4.10 10.96
C PRO A 244 -28.67 -5.34 11.60
N LYS A 245 -29.44 -6.43 11.63
CA LYS A 245 -28.96 -7.66 12.25
C LYS A 245 -28.02 -8.41 11.32
N LEU A 246 -28.28 -8.38 10.01
CA LEU A 246 -27.39 -9.07 9.10
C LEU A 246 -26.05 -8.36 9.02
N VAL A 247 -26.07 -7.04 9.15
CA VAL A 247 -24.81 -6.30 9.20
C VAL A 247 -23.98 -6.76 10.42
N GLU A 248 -24.63 -6.86 11.57
CA GLU A 248 -23.90 -7.29 12.76
C GLU A 248 -23.40 -8.71 12.64
N GLU A 249 -24.18 -9.60 12.01
CA GLU A 249 -23.68 -10.96 11.79
C GLU A 249 -22.38 -10.95 11.02
N HIS A 250 -22.30 -10.14 9.95
CA HIS A 250 -21.06 -10.04 9.20
C HIS A 250 -19.93 -9.45 10.04
N LEU A 251 -20.21 -8.37 10.79
CA LEU A 251 -19.13 -7.75 11.56
C LEU A 251 -18.63 -8.66 12.66
N LYS A 252 -19.51 -9.46 13.28
CA LYS A 252 -19.06 -10.36 14.36
C LYS A 252 -18.20 -11.53 13.87
N SER A 253 -18.13 -11.78 12.56
CA SER A 253 -17.51 -13.00 12.07
C SER A 253 -15.99 -13.03 12.28
N ALA A 254 -15.42 -14.22 12.16
CA ALA A 254 -14.02 -14.43 12.54
C ALA A 254 -13.05 -13.71 11.60
N GLN A 255 -13.53 -13.30 10.43
CA GLN A 255 -12.69 -12.59 9.46
C GLN A 255 -12.26 -11.21 9.94
N TYR A 256 -13.07 -10.54 10.75
CA TYR A 256 -12.74 -9.16 11.13
C TYR A 256 -12.20 -9.07 12.55
N LYS A 257 -11.62 -10.17 13.06
CA LYS A 257 -11.26 -10.33 14.46
C LYS A 257 -9.81 -9.98 14.77
N LYS A 258 -8.97 -9.78 13.78
CA LYS A 258 -7.62 -9.36 14.14
C LYS A 258 -7.63 -7.87 14.45
N PRO A 259 -6.93 -7.44 15.49
CA PRO A 259 -6.91 -6.00 15.85
C PRO A 259 -6.17 -5.21 14.79
N PRO A 260 -6.77 -4.17 14.22
CA PRO A 260 -6.09 -3.43 13.15
C PRO A 260 -5.09 -2.42 13.70
N ILE A 261 -4.07 -2.11 12.86
CA ILE A 261 -3.28 -0.87 12.96
C ILE A 261 -4.18 0.16 12.33
N THR A 262 -4.65 1.11 13.08
CA THR A 262 -5.60 2.00 12.43
C THR A 262 -4.93 3.30 12.00
N VAL A 263 -5.46 3.91 10.95
CA VAL A 263 -5.01 5.23 10.53
C VAL A 263 -5.76 6.26 11.36
N ASP A 264 -5.02 7.01 12.18
CA ASP A 264 -5.58 8.02 13.07
C ASP A 264 -5.52 9.34 12.32
N SER A 265 -6.66 9.83 11.83
CA SER A 265 -6.60 11.01 10.97
C SER A 265 -6.01 12.21 11.70
N VAL A 266 -6.01 12.21 13.03
CA VAL A 266 -5.38 13.28 13.81
C VAL A 266 -3.87 13.32 13.56
N CYS A 267 -3.27 12.18 13.22
CA CYS A 267 -1.82 12.11 13.02
C CYS A 267 -1.40 12.25 11.57
N LEU A 268 -2.33 12.48 10.65
CA LEU A 268 -2.05 12.66 9.24
C LEU A 268 -1.97 14.15 8.92
N LYS A 269 -0.87 14.55 8.32
CA LYS A 269 -0.58 15.95 7.97
C LYS A 269 -0.48 16.05 6.45
N TRP A 270 -1.55 16.50 5.80
CA TRP A 270 -1.57 16.47 4.35
C TRP A 270 -2.68 17.35 3.78
N ALA A 271 -2.33 18.15 2.77
CA ALA A 271 -3.33 18.86 2.00
C ALA A 271 -3.13 18.56 0.52
N PRO A 272 -4.22 18.55 -0.26
CA PRO A 272 -4.16 18.26 -1.70
C PRO A 272 -3.33 19.27 -2.49
ZN ZN B . 22.26 3.42 2.39
CAA NB7 C . -5.55 -6.36 4.45
CAB NB7 C . -6.90 -5.98 4.34
CAC NB7 C . -7.82 -6.42 5.28
CAD NB7 C . -7.39 -7.21 6.35
CAE NB7 C . -6.05 -7.57 6.45
CAF NB7 C . -5.11 -7.12 5.51
CAJ NB7 C . -1.39 -7.82 2.62
CAK NB7 C . -1.36 -7.09 1.43
CAL NB7 C . -2.23 -5.50 -0.22
CAM NB7 C . -2.33 -6.17 1.00
CAN NB7 C . -0.21 -7.24 0.66
CAO NB7 C . -0.14 -6.61 -0.58
CAP NB7 C . -1.13 -5.72 -1.02
FAT NB7 C . -4.65 -5.92 3.52
NAH NB7 C . -3.07 -8.82 4.37
NAI NB7 C . -2.68 -8.06 3.10
OAQ NB7 C . -0.31 -7.91 3.28
OAR NB7 C . -3.24 -8.37 7.07
OAS NB7 C . -2.59 -6.42 5.64
SAG NB7 C . -3.37 -7.65 5.70
C1 GOL D . -5.87 -10.49 4.72
O1 GOL D . -4.56 -11.05 4.57
C2 GOL D . -6.79 -10.65 3.50
O2 GOL D . -7.32 -11.98 3.42
C3 GOL D . -7.97 -9.76 3.81
O3 GOL D . -8.87 -10.41 4.71
#